data_5FA3
#
_entry.id   5FA3
#
_cell.length_a   56.201
_cell.length_b   79.259
_cell.length_c   57.397
_cell.angle_alpha   90.00
_cell.angle_beta   115.98
_cell.angle_gamma   90.00
#
_symmetry.space_group_name_H-M   'P 1 21 1'
#
loop_
_entity.id
_entity.type
_entity.pdbx_description
1 polymer 'HLA class I histocompatibility antigen, A-2 alpha chain'
2 polymer Beta-2-microglobulin
3 polymer G9V
4 non-polymer GLYCEROL
5 water water
#
loop_
_entity_poly.entity_id
_entity_poly.type
_entity_poly.pdbx_seq_one_letter_code
_entity_poly.pdbx_strand_id
1 'polypeptide(L)'
;SHSMRYFFTSVSRPGRGEPRFIAVGYVDDTQFVRFDSDAASQRMEPRAPWIEQEGPEYWDGETRKVKAHSQTHRVDLGTL
RGYYNQSEAGSHTVQRMYGCDVGSDWRFLRGYHQYAYDGKDYIALKEDLRSWTAADMAAQTTKHKWEAAHVAEQLRAYLE
GTCVEWLRRYLENGKETLQRTDAPKTHMTHHAVSDHEATLRCWALSFYPAEITLTWQRDGEDQTQDTELVETRPAGDGTF
QKWAAVVVPSGQEQRYTCHVQHEGLPKPLTLRW
;
A
2 'polypeptide(L)'
;IQRTPKIQVYSRHPAENGKSNFLNCYVSGFHPSDIEVDLLKNGERIEKVEHSDLSFSKDWSFYLLYYTEFTPTEKDEYAC
RVNHVTLSQPKIVKWDRDM
;
B
3 'polypeptide(L)' GLLPELPAV C
#
loop_
_chem_comp.id
_chem_comp.type
_chem_comp.name
_chem_comp.formula
GOL non-polymer GLYCEROL 'C3 H8 O3'
#
# COMPACT_ATOMS: atom_id res chain seq x y z
N SER A 1 -9.30 -7.26 14.84
CA SER A 1 -9.80 -7.73 13.52
C SER A 1 -8.66 -8.13 12.58
N HIS A 2 -9.02 -8.89 11.55
CA HIS A 2 -8.09 -9.27 10.48
C HIS A 2 -8.79 -9.09 9.14
N SER A 3 -8.01 -8.97 8.06
CA SER A 3 -8.54 -8.76 6.72
C SER A 3 -7.79 -9.58 5.67
N MET A 4 -8.51 -10.02 4.64
CA MET A 4 -7.90 -10.49 3.39
C MET A 4 -8.37 -9.57 2.29
N ARG A 5 -7.42 -9.06 1.49
CA ARG A 5 -7.73 -8.13 0.41
C ARG A 5 -6.96 -8.52 -0.82
N TYR A 6 -7.61 -8.46 -1.98
CA TYR A 6 -6.95 -8.56 -3.26
C TYR A 6 -7.09 -7.23 -4.02
N PHE A 7 -5.99 -6.79 -4.63
CA PHE A 7 -5.92 -5.55 -5.38
C PHE A 7 -5.53 -5.86 -6.82
N PHE A 8 -6.25 -5.30 -7.79
CA PHE A 8 -6.02 -5.59 -9.21
C PHE A 8 -5.90 -4.28 -9.97
N THR A 9 -4.86 -4.17 -10.79
CA THR A 9 -4.66 -3.02 -11.66
C THR A 9 -4.41 -3.52 -13.08
N SER A 10 -5.16 -2.98 -14.05
CA SER A 10 -4.92 -3.24 -15.47
CA SER A 10 -4.91 -3.25 -15.47
C SER A 10 -4.77 -1.93 -16.21
N VAL A 11 -3.75 -1.84 -17.07
CA VAL A 11 -3.44 -0.60 -17.78
C VAL A 11 -3.31 -0.93 -19.25
N SER A 12 -4.16 -0.31 -20.09
CA SER A 12 -4.13 -0.58 -21.52
C SER A 12 -2.88 -0.01 -22.18
N ARG A 13 -2.47 -0.70 -23.24
CA ARG A 13 -1.25 -0.40 -23.98
C ARG A 13 -1.64 -0.19 -25.44
N PRO A 14 -2.13 1.01 -25.78
CA PRO A 14 -2.65 1.26 -27.13
C PRO A 14 -1.61 1.15 -28.25
N GLY A 15 -0.33 1.35 -27.93
CA GLY A 15 0.74 1.22 -28.93
C GLY A 15 0.91 -0.20 -29.44
N ARG A 16 0.95 -1.16 -28.52
CA ARG A 16 1.08 -2.57 -28.88
C ARG A 16 0.67 -3.48 -27.73
N GLY A 17 -0.07 -4.54 -28.04
CA GLY A 17 -0.28 -5.64 -27.12
C GLY A 17 -1.40 -5.48 -26.13
N GLU A 18 -1.46 -6.41 -25.19
CA GLU A 18 -2.55 -6.49 -24.22
C GLU A 18 -2.22 -5.65 -22.98
N PRO A 19 -3.22 -5.41 -22.11
CA PRO A 19 -2.95 -4.61 -20.92
C PRO A 19 -1.92 -5.21 -19.96
N ARG A 20 -1.20 -4.34 -19.26
CA ARG A 20 -0.37 -4.73 -18.12
C ARG A 20 -1.31 -5.03 -16.96
N PHE A 21 -1.24 -6.24 -16.41
CA PHE A 21 -2.12 -6.67 -15.31
C PHE A 21 -1.27 -7.06 -14.10
N ILE A 22 -1.54 -6.44 -12.96
CA ILE A 22 -0.87 -6.76 -11.70
C ILE A 22 -1.91 -7.04 -10.62
N ALA A 23 -1.80 -8.22 -9.99
CA ALA A 23 -2.67 -8.62 -8.89
C ALA A 23 -1.80 -8.88 -7.67
N VAL A 24 -2.25 -8.42 -6.51
CA VAL A 24 -1.56 -8.67 -5.24
C VAL A 24 -2.58 -9.02 -4.16
N GLY A 25 -2.21 -9.97 -3.30
CA GLY A 25 -3.07 -10.41 -2.20
C GLY A 25 -2.42 -10.05 -0.88
N TYR A 26 -3.21 -9.55 0.06
CA TYR A 26 -2.75 -9.21 1.41
C TYR A 26 -3.58 -9.93 2.47
N VAL A 27 -2.91 -10.35 3.55
CA VAL A 27 -3.59 -10.59 4.82
C VAL A 27 -3.09 -9.46 5.74
N ASP A 28 -4.02 -8.65 6.22
CA ASP A 28 -3.70 -7.44 6.97
C ASP A 28 -2.69 -6.61 6.18
N ASP A 29 -1.52 -6.30 6.75
CA ASP A 29 -0.51 -5.52 6.04
C ASP A 29 0.62 -6.38 5.49
N THR A 30 0.37 -7.68 5.29
CA THR A 30 1.36 -8.60 4.75
C THR A 30 0.93 -9.06 3.36
N GLN A 31 1.74 -8.74 2.35
CA GLN A 31 1.52 -9.28 1.02
C GLN A 31 1.87 -10.76 1.02
N PHE A 32 0.98 -11.59 0.47
CA PHE A 32 1.22 -13.04 0.43
C PHE A 32 1.23 -13.67 -0.97
N VAL A 33 0.59 -13.05 -1.96
CA VAL A 33 0.66 -13.53 -3.35
C VAL A 33 0.78 -12.37 -4.33
N ARG A 34 1.28 -12.69 -5.52
CA ARG A 34 1.35 -11.73 -6.63
C ARG A 34 1.11 -12.43 -7.96
N PHE A 35 0.61 -11.65 -8.93
CA PHE A 35 0.66 -12.02 -10.34
C PHE A 35 1.00 -10.76 -11.13
N ASP A 36 1.95 -10.88 -12.04
CA ASP A 36 2.30 -9.79 -12.95
C ASP A 36 2.33 -10.37 -14.36
N SER A 37 1.53 -9.80 -15.25
CA SER A 37 1.50 -10.23 -16.66
C SER A 37 2.85 -10.09 -17.37
N ASP A 38 3.68 -9.13 -16.94
CA ASP A 38 5.04 -8.93 -17.49
C ASP A 38 6.12 -9.88 -16.93
N ALA A 39 5.80 -10.67 -15.89
CA ALA A 39 6.76 -11.61 -15.31
C ALA A 39 6.81 -12.92 -16.11
N ALA A 40 7.88 -13.68 -15.89
CA ALA A 40 8.16 -14.89 -16.70
C ALA A 40 7.24 -16.09 -16.42
N SER A 41 6.91 -16.31 -15.14
CA SER A 41 6.23 -17.55 -14.75
C SER A 41 4.81 -17.71 -15.29
N GLN A 42 4.08 -16.60 -15.38
CA GLN A 42 2.63 -16.61 -15.68
C GLN A 42 1.85 -17.48 -14.70
N ARG A 43 2.29 -17.45 -13.44
CA ARG A 43 1.65 -18.19 -12.35
C ARG A 43 1.41 -17.21 -11.23
N MET A 44 0.41 -17.48 -10.39
CA MET A 44 0.33 -16.83 -9.08
C MET A 44 1.59 -17.26 -8.31
N GLU A 45 2.30 -16.29 -7.74
CA GLU A 45 3.56 -16.55 -7.03
C GLU A 45 3.42 -16.24 -5.53
N PRO A 46 4.10 -17.03 -4.68
CA PRO A 46 4.10 -16.73 -3.24
C PRO A 46 4.99 -15.53 -2.90
N ARG A 47 4.56 -14.74 -1.92
CA ARG A 47 5.37 -13.62 -1.39
C ARG A 47 5.47 -13.61 0.15
N ALA A 48 5.05 -14.70 0.79
CA ALA A 48 5.28 -14.93 2.22
C ALA A 48 5.57 -16.42 2.40
N PRO A 49 6.46 -16.80 3.33
CA PRO A 49 6.81 -18.22 3.52
C PRO A 49 5.62 -19.11 3.86
N TRP A 50 4.69 -18.61 4.67
CA TRP A 50 3.53 -19.41 5.12
C TRP A 50 2.55 -19.86 4.01
N ILE A 51 2.48 -19.13 2.90
CA ILE A 51 1.65 -19.57 1.76
C ILE A 51 2.34 -20.65 0.91
N GLU A 52 3.67 -20.77 1.00
CA GLU A 52 4.42 -21.81 0.26
C GLU A 52 4.10 -23.23 0.77
N GLN A 53 3.52 -23.33 1.97
CA GLN A 53 2.90 -24.57 2.47
C GLN A 53 1.87 -25.17 1.52
N GLU A 54 1.13 -24.30 0.82
CA GLU A 54 0.02 -24.73 -0.04
C GLU A 54 0.52 -25.61 -1.19
N GLY A 55 -0.23 -26.67 -1.48
CA GLY A 55 0.16 -27.65 -2.48
C GLY A 55 -0.10 -27.22 -3.92
N PRO A 56 0.25 -28.10 -4.89
CA PRO A 56 0.08 -27.79 -6.32
C PRO A 56 -1.34 -27.47 -6.75
N GLU A 57 -2.34 -28.13 -6.14
CA GLU A 57 -3.75 -27.87 -6.46
C GLU A 57 -4.12 -26.40 -6.19
N TYR A 58 -3.67 -25.88 -5.05
CA TYR A 58 -3.86 -24.47 -4.70
C TYR A 58 -3.26 -23.55 -5.77
N TRP A 59 -1.99 -23.77 -6.10
CA TRP A 59 -1.28 -22.88 -7.04
C TRP A 59 -1.81 -22.96 -8.46
N ASP A 60 -2.24 -24.15 -8.89
CA ASP A 60 -2.93 -24.31 -10.18
C ASP A 60 -4.27 -23.59 -10.21
N GLY A 61 -5.03 -23.73 -9.13
CA GLY A 61 -6.35 -23.10 -9.01
C GLY A 61 -6.28 -21.58 -8.99
N GLU A 62 -5.36 -21.03 -8.20
CA GLU A 62 -5.18 -19.58 -8.11
C GLU A 62 -4.61 -18.99 -9.40
N THR A 63 -3.76 -19.75 -10.09
CA THR A 63 -3.26 -19.32 -11.40
C THR A 63 -4.41 -19.27 -12.42
N ARG A 64 -5.23 -20.31 -12.47
CA ARG A 64 -6.41 -20.33 -13.36
C ARG A 64 -7.33 -19.14 -13.08
N LYS A 65 -7.63 -18.93 -11.79
CA LYS A 65 -8.54 -17.85 -11.41
CA LYS A 65 -8.53 -17.85 -11.38
C LYS A 65 -7.94 -16.47 -11.70
N VAL A 66 -6.67 -16.26 -11.37
CA VAL A 66 -6.05 -14.94 -11.58
C VAL A 66 -5.90 -14.60 -13.07
N LYS A 67 -5.65 -15.62 -13.91
CA LYS A 67 -5.67 -15.41 -15.36
C LYS A 67 -7.07 -15.06 -15.88
N ALA A 68 -8.11 -15.70 -15.34
CA ALA A 68 -9.50 -15.35 -15.67
C ALA A 68 -9.80 -13.91 -15.26
N HIS A 69 -9.33 -13.52 -14.08
CA HIS A 69 -9.44 -12.13 -13.62
C HIS A 69 -8.78 -11.14 -14.59
N SER A 70 -7.59 -11.50 -15.05
CA SER A 70 -6.84 -10.71 -16.04
C SER A 70 -7.67 -10.44 -17.30
N GLN A 71 -8.27 -11.51 -17.84
CA GLN A 71 -9.08 -11.40 -19.05
C GLN A 71 -10.33 -10.56 -18.84
N THR A 72 -10.98 -10.71 -17.69
CA THR A 72 -12.13 -9.85 -17.34
C THR A 72 -11.73 -8.35 -17.36
N HIS A 73 -10.59 -8.02 -16.79
CA HIS A 73 -10.11 -6.63 -16.79
C HIS A 73 -9.75 -6.12 -18.18
N ARG A 74 -9.20 -6.97 -19.04
CA ARG A 74 -8.96 -6.60 -20.44
C ARG A 74 -10.28 -6.24 -21.12
N VAL A 75 -11.27 -7.10 -20.95
CA VAL A 75 -12.60 -6.87 -21.51
C VAL A 75 -13.22 -5.61 -20.94
N ASP A 76 -13.09 -5.41 -19.63
CA ASP A 76 -13.59 -4.20 -18.95
C ASP A 76 -13.03 -2.92 -19.57
N LEU A 77 -11.71 -2.89 -19.82
CA LEU A 77 -11.08 -1.73 -20.47
C LEU A 77 -11.73 -1.40 -21.81
N GLY A 78 -12.02 -2.44 -22.61
CA GLY A 78 -12.77 -2.29 -23.85
C GLY A 78 -14.17 -1.76 -23.64
N THR A 79 -14.90 -2.39 -22.72
CA THR A 79 -16.28 -1.98 -22.39
C THR A 79 -16.38 -0.52 -21.95
N LEU A 80 -15.48 -0.12 -21.06
CA LEU A 80 -15.47 1.23 -20.50
C LEU A 80 -15.08 2.29 -21.53
N ARG A 81 -14.13 1.96 -22.40
CA ARG A 81 -13.80 2.82 -23.54
C ARG A 81 -15.06 3.13 -24.39
N GLY A 82 -15.87 2.11 -24.63
CA GLY A 82 -17.16 2.23 -25.31
C GLY A 82 -18.19 3.06 -24.55
N TYR A 83 -18.39 2.76 -23.27
CA TYR A 83 -19.30 3.54 -22.41
C TYR A 83 -18.97 5.04 -22.39
N TYR A 84 -17.68 5.36 -22.32
CA TYR A 84 -17.21 6.76 -22.22
C TYR A 84 -16.87 7.41 -23.58
N ASN A 85 -17.11 6.70 -24.68
CA ASN A 85 -16.84 7.18 -26.05
C ASN A 85 -15.42 7.73 -26.22
N GLN A 86 -14.45 6.93 -25.78
CA GLN A 86 -13.04 7.29 -25.87
C GLN A 86 -12.42 6.57 -27.07
N SER A 87 -11.35 7.15 -27.60
CA SER A 87 -10.65 6.57 -28.76
C SER A 87 -9.78 5.40 -28.30
N GLU A 88 -9.26 4.66 -29.27
CA GLU A 88 -8.32 3.57 -28.98
C GLU A 88 -6.89 4.04 -28.71
N ALA A 89 -6.60 5.32 -28.97
CA ALA A 89 -5.24 5.85 -28.87
C ALA A 89 -4.72 6.04 -27.44
N GLY A 90 -5.61 6.26 -26.48
CA GLY A 90 -5.20 6.60 -25.10
C GLY A 90 -5.04 5.39 -24.20
N SER A 91 -4.16 5.51 -23.20
CA SER A 91 -3.99 4.48 -22.17
C SER A 91 -4.96 4.79 -21.02
N HIS A 92 -5.60 3.74 -20.50
CA HIS A 92 -6.53 3.88 -19.38
C HIS A 92 -6.30 2.79 -18.35
N THR A 93 -6.82 3.04 -17.15
CA THR A 93 -6.58 2.20 -15.99
C THR A 93 -7.89 1.74 -15.37
N VAL A 94 -7.98 0.44 -15.10
CA VAL A 94 -9.03 -0.09 -14.22
C VAL A 94 -8.39 -0.62 -12.96
N GLN A 95 -9.06 -0.40 -11.83
CA GLN A 95 -8.63 -0.93 -10.54
C GLN A 95 -9.82 -1.60 -9.86
N ARG A 96 -9.56 -2.72 -9.22
CA ARG A 96 -10.57 -3.44 -8.45
C ARG A 96 -9.96 -3.92 -7.14
N MET A 97 -10.73 -3.82 -6.07
CA MET A 97 -10.36 -4.36 -4.77
C MET A 97 -11.54 -5.13 -4.22
N TYR A 98 -11.28 -6.32 -3.67
CA TYR A 98 -12.28 -7.02 -2.89
C TYR A 98 -11.66 -7.80 -1.75
N GLY A 99 -12.50 -8.25 -0.82
CA GLY A 99 -12.03 -9.00 0.32
C GLY A 99 -12.97 -8.91 1.51
N CYS A 100 -12.53 -9.48 2.62
CA CYS A 100 -13.36 -9.61 3.80
C CYS A 100 -12.57 -9.31 5.07
N ASP A 101 -13.29 -8.91 6.11
CA ASP A 101 -12.75 -8.74 7.45
C ASP A 101 -13.43 -9.73 8.37
N VAL A 102 -12.67 -10.27 9.33
CA VAL A 102 -13.25 -10.94 10.50
C VAL A 102 -13.05 -10.02 11.70
N GLY A 103 -14.04 -10.03 12.60
CA GLY A 103 -14.01 -9.18 13.77
C GLY A 103 -13.21 -9.80 14.90
N SER A 104 -13.24 -9.15 16.06
CA SER A 104 -12.56 -9.64 17.26
C SER A 104 -13.06 -11.03 17.70
N ASP A 105 -14.31 -11.35 17.38
CA ASP A 105 -14.89 -12.67 17.65
C ASP A 105 -14.53 -13.76 16.61
N TRP A 106 -13.66 -13.44 15.65
CA TRP A 106 -13.25 -14.36 14.57
C TRP A 106 -14.36 -14.77 13.59
N ARG A 107 -15.46 -14.02 13.58
CA ARG A 107 -16.56 -14.24 12.64
C ARG A 107 -16.52 -13.12 11.61
N PHE A 108 -17.22 -13.34 10.50
CA PHE A 108 -17.36 -12.33 9.44
C PHE A 108 -17.75 -10.98 10.03
N LEU A 109 -17.07 -9.93 9.58
CA LEU A 109 -17.37 -8.56 10.00
C LEU A 109 -17.92 -7.74 8.84
N ARG A 110 -17.17 -7.71 7.74
CA ARG A 110 -17.56 -6.93 6.57
C ARG A 110 -16.93 -7.48 5.29
N GLY A 111 -17.58 -7.21 4.16
CA GLY A 111 -17.09 -7.56 2.83
C GLY A 111 -17.00 -6.33 1.92
N TYR A 112 -16.13 -6.42 0.92
CA TYR A 112 -15.87 -5.32 0.00
C TYR A 112 -15.78 -5.84 -1.42
N HIS A 113 -16.26 -5.05 -2.37
CA HIS A 113 -16.01 -5.26 -3.79
C HIS A 113 -16.22 -3.95 -4.53
N GLN A 114 -15.14 -3.28 -4.90
CA GLN A 114 -15.24 -1.95 -5.50
C GLN A 114 -14.28 -1.75 -6.64
N TYR A 115 -14.60 -0.77 -7.47
CA TYR A 115 -14.02 -0.62 -8.80
C TYR A 115 -13.78 0.85 -9.12
N ALA A 116 -12.68 1.14 -9.81
CA ALA A 116 -12.39 2.49 -10.31
C ALA A 116 -11.94 2.43 -11.76
N TYR A 117 -12.25 3.50 -12.49
CA TYR A 117 -11.77 3.69 -13.87
C TYR A 117 -11.04 5.02 -13.93
N ASP A 118 -9.81 4.99 -14.45
CA ASP A 118 -8.89 6.14 -14.46
C ASP A 118 -8.79 6.89 -13.13
N GLY A 119 -8.74 6.11 -12.04
CA GLY A 119 -8.54 6.64 -10.70
C GLY A 119 -9.75 7.27 -10.02
N LYS A 120 -10.93 7.14 -10.63
CA LYS A 120 -12.16 7.70 -10.08
C LYS A 120 -13.10 6.57 -9.72
N ASP A 121 -13.86 6.75 -8.64
CA ASP A 121 -14.89 5.79 -8.23
C ASP A 121 -15.79 5.43 -9.40
N TYR A 122 -16.01 4.12 -9.61
CA TYR A 122 -16.90 3.63 -10.66
C TYR A 122 -18.12 2.97 -10.01
N ILE A 123 -17.93 1.77 -9.45
CA ILE A 123 -19.02 1.05 -8.77
C ILE A 123 -18.46 0.38 -7.52
N ALA A 124 -19.27 0.36 -6.46
CA ALA A 124 -18.88 -0.27 -5.20
C ALA A 124 -20.08 -0.99 -4.57
N LEU A 125 -19.82 -2.20 -4.07
CA LEU A 125 -20.82 -2.96 -3.32
C LEU A 125 -20.95 -2.31 -1.94
N LYS A 126 -22.17 -1.94 -1.55
CA LYS A 126 -22.40 -1.32 -0.24
C LYS A 126 -22.21 -2.33 0.88
N GLU A 127 -22.11 -1.86 2.11
CA GLU A 127 -21.79 -2.71 3.27
C GLU A 127 -22.82 -3.84 3.47
N ASP A 128 -24.08 -3.59 3.13
CA ASP A 128 -25.11 -4.63 3.20
C ASP A 128 -24.93 -5.80 2.21
N LEU A 129 -23.99 -5.66 1.26
CA LEU A 129 -23.69 -6.70 0.27
C LEU A 129 -24.90 -7.08 -0.61
N ARG A 130 -25.86 -6.15 -0.70
CA ARG A 130 -27.10 -6.35 -1.45
C ARG A 130 -27.44 -5.18 -2.40
N SER A 131 -26.60 -4.15 -2.44
CA SER A 131 -26.87 -2.94 -3.21
C SER A 131 -25.56 -2.30 -3.68
N TRP A 132 -25.68 -1.45 -4.69
CA TRP A 132 -24.54 -0.89 -5.40
C TRP A 132 -24.55 0.64 -5.37
N THR A 133 -23.36 1.21 -5.23
CA THR A 133 -23.14 2.64 -5.41
C THR A 133 -22.47 2.84 -6.77
N ALA A 134 -23.23 3.35 -7.74
CA ALA A 134 -22.75 3.68 -9.08
C ALA A 134 -22.49 5.17 -9.15
N ALA A 135 -21.26 5.55 -9.48
CA ALA A 135 -20.83 6.96 -9.42
C ALA A 135 -21.40 7.84 -10.54
N ASP A 136 -21.62 7.25 -11.71
CA ASP A 136 -22.05 8.00 -12.89
C ASP A 136 -22.92 7.11 -13.80
N MET A 137 -23.30 7.62 -14.97
CA MET A 137 -24.22 6.89 -15.85
C MET A 137 -23.64 5.67 -16.54
N ALA A 138 -22.32 5.63 -16.73
CA ALA A 138 -21.63 4.42 -17.19
C ALA A 138 -21.75 3.33 -16.14
N ALA A 139 -21.41 3.66 -14.89
CA ALA A 139 -21.54 2.71 -13.77
C ALA A 139 -22.98 2.29 -13.53
N GLN A 140 -23.93 3.18 -13.82
CA GLN A 140 -25.35 2.83 -13.75
C GLN A 140 -25.71 1.69 -14.71
N THR A 141 -25.13 1.72 -15.90
CA THR A 141 -25.30 0.64 -16.89
C THR A 141 -24.78 -0.68 -16.32
N THR A 142 -23.58 -0.66 -15.74
CA THR A 142 -23.03 -1.83 -15.04
C THR A 142 -23.93 -2.28 -13.89
N LYS A 143 -24.44 -1.31 -13.12
CA LYS A 143 -25.37 -1.61 -12.01
C LYS A 143 -26.59 -2.38 -12.49
N HIS A 144 -27.23 -1.90 -13.56
CA HIS A 144 -28.39 -2.60 -14.15
C HIS A 144 -28.06 -4.04 -14.53
N LYS A 145 -26.93 -4.22 -15.20
CA LYS A 145 -26.47 -5.55 -15.62
C LYS A 145 -26.26 -6.46 -14.41
N TRP A 146 -25.54 -5.94 -13.41
CA TRP A 146 -25.19 -6.73 -12.23
C TRP A 146 -26.40 -7.05 -11.35
N GLU A 147 -27.38 -6.15 -11.29
CA GLU A 147 -28.62 -6.41 -10.57
C GLU A 147 -29.45 -7.52 -11.22
N ALA A 148 -29.57 -7.46 -12.55
CA ALA A 148 -30.28 -8.49 -13.30
C ALA A 148 -29.63 -9.87 -13.19
N ALA A 149 -28.30 -9.89 -13.13
CA ALA A 149 -27.53 -11.13 -13.06
C ALA A 149 -27.27 -11.64 -11.63
N HIS A 150 -27.79 -10.94 -10.62
CA HIS A 150 -27.67 -11.34 -9.21
C HIS A 150 -26.20 -11.46 -8.77
N VAL A 151 -25.40 -10.48 -9.19
CA VAL A 151 -23.96 -10.46 -8.90
C VAL A 151 -23.71 -10.29 -7.41
N ALA A 152 -24.46 -9.38 -6.77
CA ALA A 152 -24.33 -9.12 -5.33
C ALA A 152 -24.49 -10.39 -4.52
N GLU A 153 -25.49 -11.18 -4.87
CA GLU A 153 -25.77 -12.46 -4.22
C GLU A 153 -24.59 -13.45 -4.36
N GLN A 154 -24.00 -13.50 -5.54
CA GLN A 154 -22.82 -14.36 -5.78
C GLN A 154 -21.60 -13.90 -4.98
N LEU A 155 -21.36 -12.59 -4.97
CA LEU A 155 -20.26 -12.01 -4.20
C LEU A 155 -20.46 -12.20 -2.69
N ARG A 156 -21.68 -11.98 -2.22
CA ARG A 156 -22.00 -12.16 -0.79
C ARG A 156 -21.72 -13.59 -0.31
N ALA A 157 -22.04 -14.58 -1.14
CA ALA A 157 -21.74 -15.98 -0.84
C ALA A 157 -20.24 -16.22 -0.65
N TYR A 158 -19.42 -15.59 -1.50
CA TYR A 158 -17.96 -15.65 -1.35
C TYR A 158 -17.48 -14.88 -0.12
N LEU A 159 -17.91 -13.62 0.01
CA LEU A 159 -17.40 -12.72 1.05
C LEU A 159 -17.75 -13.19 2.46
N GLU A 160 -18.97 -13.70 2.65
CA GLU A 160 -19.42 -14.19 3.95
C GLU A 160 -18.98 -15.62 4.28
N GLY A 161 -18.58 -16.39 3.27
CA GLY A 161 -18.27 -17.81 3.42
C GLY A 161 -16.83 -18.12 3.07
N THR A 162 -16.59 -18.42 1.79
CA THR A 162 -15.28 -18.86 1.30
C THR A 162 -14.13 -17.89 1.66
N CYS A 163 -14.38 -16.59 1.50
CA CYS A 163 -13.40 -15.56 1.80
C CYS A 163 -12.91 -15.64 3.25
N VAL A 164 -13.84 -15.68 4.20
CA VAL A 164 -13.47 -15.75 5.62
C VAL A 164 -12.81 -17.08 5.98
N GLU A 165 -13.20 -18.17 5.31
CA GLU A 165 -12.56 -19.47 5.50
C GLU A 165 -11.09 -19.45 5.05
N TRP A 166 -10.82 -18.84 3.90
CA TRP A 166 -9.43 -18.63 3.45
C TRP A 166 -8.64 -17.81 4.47
N LEU A 167 -9.19 -16.67 4.86
CA LEU A 167 -8.55 -15.77 5.83
C LEU A 167 -8.16 -16.51 7.11
N ARG A 168 -9.11 -17.25 7.69
CA ARG A 168 -8.85 -18.06 8.90
C ARG A 168 -7.76 -19.11 8.69
N ARG A 169 -7.79 -19.80 7.55
CA ARG A 169 -6.76 -20.78 7.21
C ARG A 169 -5.39 -20.13 7.18
N TYR A 170 -5.29 -19.00 6.47
CA TYR A 170 -4.02 -18.28 6.36
C TYR A 170 -3.53 -17.77 7.72
N LEU A 171 -4.44 -17.20 8.50
CA LEU A 171 -4.09 -16.69 9.83
C LEU A 171 -3.51 -17.77 10.76
N GLU A 172 -4.05 -19.00 10.68
CA GLU A 172 -3.50 -20.13 11.42
C GLU A 172 -2.15 -20.59 10.86
N ASN A 173 -2.09 -20.82 9.56
CA ASN A 173 -0.87 -21.31 8.91
C ASN A 173 0.30 -20.32 9.05
N GLY A 174 0.01 -19.03 8.99
CA GLY A 174 1.01 -17.98 9.20
C GLY A 174 1.01 -17.30 10.55
N LYS A 175 0.43 -17.96 11.57
CA LYS A 175 0.22 -17.33 12.89
C LYS A 175 1.49 -16.77 13.54
N GLU A 176 2.63 -17.41 13.25
CA GLU A 176 3.91 -17.04 13.88
C GLU A 176 4.29 -15.58 13.59
N THR A 177 3.87 -15.09 12.43
CA THR A 177 4.02 -13.68 12.05
C THR A 177 2.68 -12.93 12.00
N LEU A 178 1.69 -13.49 11.32
CA LEU A 178 0.39 -12.81 11.13
C LEU A 178 -0.32 -12.46 12.44
N GLN A 179 -0.19 -13.32 13.46
CA GLN A 179 -0.81 -13.09 14.77
C GLN A 179 0.20 -12.64 15.85
N ARG A 180 1.35 -12.16 15.41
CA ARG A 180 2.37 -11.54 16.26
C ARG A 180 2.31 -10.04 15.97
N THR A 181 2.19 -9.24 17.02
CA THR A 181 2.35 -7.80 16.90
C THR A 181 3.81 -7.45 17.19
N ASP A 182 4.37 -6.53 16.39
CA ASP A 182 5.69 -5.98 16.64
C ASP A 182 5.48 -4.57 17.17
N ALA A 183 5.73 -4.37 18.46
CA ALA A 183 5.56 -3.06 19.09
C ALA A 183 6.58 -2.07 18.51
N PRO A 184 6.19 -0.80 18.35
CA PRO A 184 7.16 0.17 17.81
C PRO A 184 8.36 0.37 18.71
N LYS A 185 9.55 0.38 18.10
CA LYS A 185 10.77 0.77 18.80
C LYS A 185 10.82 2.28 18.69
N THR A 186 10.81 2.96 19.82
CA THR A 186 10.70 4.41 19.85
C THR A 186 11.93 5.10 20.42
N HIS A 187 12.23 6.28 19.88
CA HIS A 187 13.24 7.17 20.43
C HIS A 187 12.96 8.60 19.96
N MET A 188 13.68 9.55 20.54
CA MET A 188 13.55 10.96 20.20
C MET A 188 14.88 11.48 19.67
N THR A 189 14.81 12.41 18.71
CA THR A 189 15.99 13.17 18.25
C THR A 189 15.74 14.66 18.41
N HIS A 190 16.83 15.42 18.49
CA HIS A 190 16.82 16.87 18.74
C HIS A 190 17.56 17.58 17.60
N HIS A 191 16.91 18.56 16.99
CA HIS A 191 17.45 19.29 15.83
C HIS A 191 17.34 20.80 16.07
N ALA A 192 18.47 21.46 16.32
CA ALA A 192 18.49 22.90 16.58
C ALA A 192 18.18 23.69 15.31
N VAL A 193 17.12 24.51 15.37
CA VAL A 193 16.69 25.36 14.25
C VAL A 193 17.38 26.72 14.34
N SER A 194 17.51 27.24 15.56
CA SER A 194 18.21 28.50 15.84
C SER A 194 18.75 28.46 17.28
N ASP A 195 19.28 29.58 17.75
CA ASP A 195 19.61 29.72 19.18
C ASP A 195 18.39 29.64 20.10
N HIS A 196 17.20 29.99 19.59
CA HIS A 196 15.97 30.07 20.38
C HIS A 196 15.02 28.88 20.20
N GLU A 197 15.09 28.21 19.05
CA GLU A 197 14.11 27.18 18.66
C GLU A 197 14.80 25.83 18.39
N ALA A 198 14.05 24.74 18.56
CA ALA A 198 14.56 23.38 18.28
C ALA A 198 13.42 22.46 17.89
N THR A 199 13.71 21.51 17.00
CA THR A 199 12.74 20.48 16.61
C THR A 199 13.00 19.19 17.38
N LEU A 200 11.95 18.68 18.02
CA LEU A 200 11.96 17.35 18.64
C LEU A 200 11.24 16.41 17.69
N ARG A 201 11.88 15.29 17.35
CA ARG A 201 11.27 14.30 16.48
C ARG A 201 11.11 13.00 17.26
N CYS A 202 9.89 12.47 17.27
CA CYS A 202 9.56 11.21 17.94
C CYS A 202 9.46 10.12 16.88
N TRP A 203 10.29 9.07 17.02
CA TRP A 203 10.40 8.00 16.01
C TRP A 203 9.68 6.75 16.48
N ALA A 204 8.98 6.08 15.57
CA ALA A 204 8.43 4.76 15.79
C ALA A 204 8.93 3.88 14.65
N LEU A 205 9.68 2.84 14.98
CA LEU A 205 10.33 2.00 13.98
C LEU A 205 9.98 0.53 14.19
N SER A 206 10.10 -0.21 13.09
CA SER A 206 9.96 -1.66 13.08
C SER A 206 8.65 -2.19 13.69
N PHE A 207 7.55 -1.50 13.42
CA PHE A 207 6.24 -1.93 13.96
C PHE A 207 5.34 -2.64 12.94
N TYR A 208 4.46 -3.48 13.48
CA TYR A 208 3.47 -4.21 12.71
C TYR A 208 2.28 -4.53 13.64
N PRO A 209 1.02 -4.32 13.22
CA PRO A 209 0.64 -3.82 11.90
C PRO A 209 0.90 -2.33 11.71
N ALA A 210 0.57 -1.80 10.53
CA ALA A 210 0.88 -0.43 10.16
C ALA A 210 0.12 0.64 10.94
N GLU A 211 -1.08 0.32 11.42
CA GLU A 211 -1.91 1.26 12.20
C GLU A 211 -1.18 1.75 13.46
N ILE A 212 -1.06 3.07 13.62
CA ILE A 212 -0.36 3.67 14.77
C ILE A 212 -0.84 5.10 14.97
N THR A 213 -0.77 5.60 16.20
CA THR A 213 -1.07 7.00 16.49
C THR A 213 0.09 7.62 17.27
N LEU A 214 0.65 8.70 16.74
CA LEU A 214 1.68 9.48 17.40
C LEU A 214 1.07 10.86 17.67
N THR A 215 1.07 11.26 18.94
CA THR A 215 0.57 12.58 19.33
C THR A 215 1.56 13.28 20.26
N TRP A 216 1.59 14.61 20.17
CA TRP A 216 2.36 15.45 21.07
C TRP A 216 1.44 16.10 22.08
N GLN A 217 1.93 16.23 23.31
CA GLN A 217 1.30 17.06 24.33
C GLN A 217 2.31 18.07 24.88
N ARG A 218 1.80 19.22 25.33
CA ARG A 218 2.60 20.19 26.08
C ARG A 218 1.98 20.35 27.47
N ASP A 219 2.75 20.07 28.51
CA ASP A 219 2.29 20.07 29.91
C ASP A 219 1.08 19.15 30.17
N GLY A 220 0.94 18.08 29.38
CA GLY A 220 -0.20 17.17 29.47
C GLY A 220 -1.47 17.62 28.73
N GLU A 221 -1.30 18.37 27.64
CA GLU A 221 -2.42 18.80 26.78
C GLU A 221 -2.02 18.75 25.32
N ASP A 222 -2.90 18.21 24.47
CA ASP A 222 -2.60 17.97 23.04
C ASP A 222 -2.17 19.24 22.30
N GLN A 223 -1.28 19.07 21.32
CA GLN A 223 -0.79 20.17 20.49
C GLN A 223 -0.66 19.75 19.04
N THR A 224 -1.36 20.46 18.15
CA THR A 224 -1.22 20.29 16.71
C THR A 224 -0.35 21.37 16.06
N GLN A 225 -0.35 22.58 16.63
CA GLN A 225 0.42 23.70 16.08
C GLN A 225 1.92 23.45 16.18
N ASP A 226 2.62 23.88 15.13
CA ASP A 226 4.07 23.69 14.99
C ASP A 226 4.50 22.22 15.06
N THR A 227 3.62 21.32 14.60
CA THR A 227 3.94 19.89 14.50
C THR A 227 3.91 19.43 13.04
N GLU A 228 4.53 18.28 12.82
CA GLU A 228 4.53 17.64 11.50
C GLU A 228 4.47 16.14 11.72
N LEU A 229 3.65 15.46 10.92
CA LEU A 229 3.42 14.03 11.05
C LEU A 229 3.59 13.45 9.64
N VAL A 230 4.59 12.59 9.44
CA VAL A 230 4.78 11.98 8.12
C VAL A 230 3.89 10.76 7.94
N GLU A 231 3.61 10.49 6.67
CA GLU A 231 2.87 9.32 6.24
C GLU A 231 3.64 8.07 6.67
N THR A 232 2.92 7.08 7.18
CA THR A 232 3.51 5.80 7.56
C THR A 232 4.11 5.13 6.32
N ARG A 233 5.30 4.56 6.48
CA ARG A 233 6.10 4.08 5.36
C ARG A 233 6.65 2.71 5.65
N PRO A 234 6.83 1.87 4.62
CA PRO A 234 7.37 0.52 4.81
C PRO A 234 8.88 0.53 5.01
N ALA A 235 9.36 -0.21 5.99
CA ALA A 235 10.79 -0.39 6.22
C ALA A 235 11.44 -1.29 5.15
N GLY A 236 10.64 -2.16 4.52
CA GLY A 236 11.11 -3.09 3.48
C GLY A 236 11.27 -4.52 3.96
N ASP A 237 11.20 -4.73 5.27
CA ASP A 237 11.31 -6.06 5.87
C ASP A 237 9.96 -6.57 6.38
N GLY A 238 8.88 -5.90 5.98
CA GLY A 238 7.52 -6.23 6.45
C GLY A 238 7.00 -5.37 7.59
N THR A 239 7.87 -4.56 8.20
CA THR A 239 7.49 -3.65 9.28
C THR A 239 7.36 -2.22 8.75
N PHE A 240 6.94 -1.31 9.62
CA PHE A 240 6.67 0.05 9.22
C PHE A 240 7.37 1.06 10.10
N GLN A 241 7.43 2.29 9.59
CA GLN A 241 8.09 3.40 10.26
C GLN A 241 7.18 4.61 10.22
N LYS A 242 7.30 5.47 11.23
CA LYS A 242 6.63 6.76 11.25
C LYS A 242 7.35 7.69 12.22
N TRP A 243 7.26 8.98 11.95
CA TRP A 243 7.72 9.99 12.90
C TRP A 243 6.79 11.18 12.98
N ALA A 244 6.84 11.84 14.13
CA ALA A 244 6.14 13.09 14.36
C ALA A 244 7.15 14.08 14.94
N ALA A 245 6.99 15.36 14.61
CA ALA A 245 7.92 16.38 15.06
C ALA A 245 7.15 17.58 15.61
N VAL A 246 7.79 18.29 16.55
CA VAL A 246 7.25 19.51 17.12
C VAL A 246 8.41 20.50 17.30
N VAL A 247 8.15 21.77 16.97
CA VAL A 247 9.14 22.83 17.19
C VAL A 247 8.85 23.45 18.55
N VAL A 248 9.90 23.61 19.36
CA VAL A 248 9.75 24.07 20.74
C VAL A 248 10.78 25.15 21.09
N PRO A 249 10.48 26.00 22.10
CA PRO A 249 11.50 26.94 22.55
C PRO A 249 12.65 26.20 23.23
N SER A 250 13.88 26.57 22.90
CA SER A 250 15.07 25.95 23.48
C SER A 250 15.04 26.13 25.01
N GLY A 251 15.29 25.05 25.75
CA GLY A 251 15.16 25.04 27.20
C GLY A 251 13.82 24.57 27.75
N GLN A 252 12.80 24.44 26.88
CA GLN A 252 11.48 23.97 27.28
C GLN A 252 11.15 22.56 26.78
N GLU A 253 12.17 21.83 26.31
CA GLU A 253 12.01 20.48 25.76
C GLU A 253 11.29 19.53 26.75
N GLN A 254 11.61 19.69 28.04
CA GLN A 254 11.00 18.93 29.15
C GLN A 254 9.46 18.99 29.19
N ARG A 255 8.88 20.12 28.79
CA ARG A 255 7.42 20.31 28.79
C ARG A 255 6.66 19.37 27.85
N TYR A 256 7.35 18.88 26.82
CA TYR A 256 6.70 18.18 25.73
C TYR A 256 6.85 16.66 25.89
N THR A 257 5.81 15.94 25.50
CA THR A 257 5.83 14.49 25.54
C THR A 257 5.19 13.93 24.28
N CYS A 258 5.81 12.88 23.75
CA CYS A 258 5.28 12.16 22.60
C CYS A 258 4.58 10.93 23.13
N HIS A 259 3.35 10.68 22.63
CA HIS A 259 2.54 9.55 23.06
C HIS A 259 2.32 8.62 21.90
N VAL A 260 2.54 7.33 22.13
CA VAL A 260 2.50 6.32 21.08
C VAL A 260 1.47 5.25 21.42
N GLN A 261 0.52 5.05 20.52
CA GLN A 261 -0.54 4.05 20.67
C GLN A 261 -0.36 3.03 19.56
N HIS A 262 -0.31 1.75 19.94
CA HIS A 262 -0.17 0.66 18.99
C HIS A 262 -0.69 -0.65 19.60
N GLU A 263 -1.15 -1.57 18.75
CA GLU A 263 -1.74 -2.84 19.20
C GLU A 263 -0.79 -3.74 20.01
N GLY A 264 0.48 -3.71 19.64
CA GLY A 264 1.55 -4.37 20.42
C GLY A 264 2.00 -3.74 21.74
N LEU A 265 1.45 -2.58 22.09
CA LEU A 265 1.73 -1.92 23.37
C LEU A 265 0.51 -2.05 24.30
N PRO A 266 0.64 -2.85 25.40
CA PRO A 266 -0.47 -3.01 26.37
C PRO A 266 -1.04 -1.69 26.89
N LYS A 267 -0.16 -0.77 27.27
CA LYS A 267 -0.53 0.61 27.58
C LYS A 267 0.32 1.53 26.69
N PRO A 268 -0.23 2.70 26.30
CA PRO A 268 0.52 3.62 25.44
C PRO A 268 1.80 4.14 26.10
N LEU A 269 2.81 4.40 25.28
CA LEU A 269 4.12 4.85 25.74
C LEU A 269 4.18 6.36 25.76
N THR A 270 5.04 6.90 26.62
CA THR A 270 5.32 8.33 26.69
C THR A 270 6.83 8.51 26.56
N LEU A 271 7.26 9.40 25.67
CA LEU A 271 8.67 9.79 25.55
C LEU A 271 8.83 11.25 25.93
N ARG A 272 10.00 11.59 26.46
CA ARG A 272 10.32 12.96 26.89
C ARG A 272 11.82 13.19 26.75
N TRP A 273 12.19 14.35 26.21
CA TRP A 273 13.60 14.73 26.10
C TRP A 273 14.12 15.23 27.44
N ILE B 1 -8.04 10.98 -13.92
CA ILE B 1 -7.42 11.79 -12.84
C ILE B 1 -5.89 11.82 -12.96
N GLN B 2 -5.27 12.86 -12.40
CA GLN B 2 -3.81 12.94 -12.30
C GLN B 2 -3.42 13.41 -10.90
N ARG B 3 -2.59 12.61 -10.24
CA ARG B 3 -2.14 12.90 -8.87
C ARG B 3 -0.62 12.77 -8.79
N THR B 4 0.03 13.76 -8.20
CA THR B 4 1.48 13.83 -8.14
C THR B 4 2.01 12.95 -7.00
N PRO B 5 3.18 12.29 -7.20
CA PRO B 5 3.69 11.43 -6.14
C PRO B 5 4.24 12.17 -4.93
N LYS B 6 3.94 11.64 -3.75
CA LYS B 6 4.65 11.97 -2.51
C LYS B 6 5.89 11.08 -2.49
N ILE B 7 7.00 11.61 -1.97
CA ILE B 7 8.29 10.91 -2.01
C ILE B 7 8.93 10.97 -0.63
N GLN B 8 9.31 9.82 -0.09
CA GLN B 8 10.14 9.76 1.11
C GLN B 8 11.38 8.95 0.78
N VAL B 9 12.53 9.45 1.22
CA VAL B 9 13.79 8.74 1.04
C VAL B 9 14.43 8.54 2.41
N TYR B 10 14.79 7.30 2.70
CA TYR B 10 15.14 6.91 4.06
C TYR B 10 15.83 5.55 4.12
N SER B 11 16.49 5.29 5.23
CA SER B 11 17.13 4.00 5.47
C SER B 11 16.20 3.08 6.25
N ARG B 12 16.35 1.77 6.03
CA ARG B 12 15.59 0.78 6.80
C ARG B 12 15.94 0.85 8.28
N HIS B 13 17.24 0.95 8.56
CA HIS B 13 17.78 0.95 9.91
C HIS B 13 18.51 2.27 10.18
N PRO B 14 18.69 2.63 11.48
CA PRO B 14 19.48 3.82 11.80
C PRO B 14 20.87 3.72 11.15
N ALA B 15 21.29 4.81 10.51
CA ALA B 15 22.46 4.79 9.64
C ALA B 15 23.75 4.95 10.43
N GLU B 16 24.68 4.02 10.22
CA GLU B 16 26.01 4.07 10.81
C GLU B 16 27.04 3.77 9.75
N ASN B 17 28.09 4.58 9.69
CA ASN B 17 29.10 4.47 8.65
C ASN B 17 29.79 3.11 8.68
N GLY B 18 29.89 2.48 7.52
CA GLY B 18 30.49 1.16 7.38
C GLY B 18 29.61 -0.02 7.74
N LYS B 19 28.35 0.21 8.09
CA LYS B 19 27.43 -0.87 8.47
C LYS B 19 26.34 -1.02 7.42
N SER B 20 26.22 -2.21 6.83
CA SER B 20 25.27 -2.48 5.75
C SER B 20 23.84 -2.14 6.17
N ASN B 21 23.06 -1.67 5.19
CA ASN B 21 21.74 -1.08 5.42
C ASN B 21 20.95 -1.19 4.12
N PHE B 22 19.72 -0.69 4.12
CA PHE B 22 18.91 -0.59 2.90
C PHE B 22 18.47 0.84 2.71
N LEU B 23 18.60 1.34 1.47
CA LEU B 23 18.12 2.66 1.08
C LEU B 23 16.76 2.51 0.42
N ASN B 24 15.77 3.23 0.94
CA ASN B 24 14.39 3.18 0.45
C ASN B 24 13.97 4.49 -0.20
N CYS B 25 13.26 4.38 -1.32
CA CYS B 25 12.49 5.49 -1.87
C CYS B 25 11.04 5.04 -1.95
N TYR B 26 10.20 5.63 -1.12
CA TYR B 26 8.77 5.28 -1.06
C TYR B 26 7.99 6.32 -1.83
N VAL B 27 7.32 5.90 -2.90
CA VAL B 27 6.51 6.79 -3.71
C VAL B 27 5.04 6.39 -3.54
N SER B 28 4.18 7.37 -3.27
CA SER B 28 2.77 7.11 -2.96
C SER B 28 1.87 8.27 -3.38
N GLY B 29 0.57 8.02 -3.40
CA GLY B 29 -0.41 9.06 -3.69
C GLY B 29 -0.52 9.46 -5.15
N PHE B 30 -0.02 8.63 -6.07
CA PHE B 30 0.10 9.01 -7.48
C PHE B 30 -0.86 8.27 -8.41
N HIS B 31 -1.12 8.89 -9.56
CA HIS B 31 -2.00 8.33 -10.58
C HIS B 31 -1.71 9.15 -11.87
N PRO B 32 -1.53 8.53 -13.04
CA PRO B 32 -1.58 7.08 -13.27
C PRO B 32 -0.35 6.33 -12.75
N SER B 33 -0.34 5.00 -12.95
CA SER B 33 0.68 4.13 -12.35
C SER B 33 2.06 4.21 -13.01
N ASP B 34 2.12 4.55 -14.30
CA ASP B 34 3.41 4.67 -15.00
C ASP B 34 4.28 5.70 -14.29
N ILE B 35 5.45 5.26 -13.84
CA ILE B 35 6.36 6.09 -13.05
C ILE B 35 7.79 5.57 -13.21
N GLU B 36 8.75 6.49 -13.12
CA GLU B 36 10.17 6.18 -13.26
C GLU B 36 10.84 6.56 -11.94
N VAL B 37 11.48 5.59 -11.29
CA VAL B 37 12.14 5.84 -10.01
C VAL B 37 13.54 5.24 -10.07
N ASP B 38 14.54 6.08 -9.77
CA ASP B 38 15.92 5.65 -9.63
C ASP B 38 16.50 6.12 -8.31
N LEU B 39 17.38 5.31 -7.74
CA LEU B 39 18.18 5.68 -6.59
C LEU B 39 19.52 6.17 -7.11
N LEU B 40 20.02 7.26 -6.54
CA LEU B 40 21.28 7.86 -6.98
C LEU B 40 22.35 7.75 -5.89
N LYS B 41 23.59 7.49 -6.30
CA LYS B 41 24.76 7.57 -5.42
C LYS B 41 25.69 8.62 -6.04
N ASN B 42 25.86 9.74 -5.36
CA ASN B 42 26.70 10.86 -5.84
C ASN B 42 26.26 11.35 -7.23
N GLY B 43 24.94 11.45 -7.43
CA GLY B 43 24.36 11.85 -8.71
C GLY B 43 24.26 10.80 -9.81
N GLU B 44 24.72 9.57 -9.54
CA GLU B 44 24.78 8.50 -10.54
C GLU B 44 23.79 7.39 -10.21
N ARG B 45 23.12 6.88 -11.24
CA ARG B 45 22.09 5.85 -11.09
C ARG B 45 22.66 4.54 -10.53
N ILE B 46 22.01 4.00 -9.50
CA ILE B 46 22.38 2.72 -8.91
C ILE B 46 21.74 1.59 -9.74
N GLU B 47 22.52 0.58 -10.08
CA GLU B 47 22.11 -0.47 -11.02
C GLU B 47 21.19 -1.51 -10.38
N LYS B 48 21.58 -2.02 -9.21
CA LYS B 48 20.77 -3.02 -8.51
C LYS B 48 19.73 -2.33 -7.62
N VAL B 49 18.56 -2.07 -8.19
CA VAL B 49 17.42 -1.49 -7.46
C VAL B 49 16.21 -2.38 -7.73
N GLU B 50 15.61 -2.89 -6.66
CA GLU B 50 14.38 -3.68 -6.75
C GLU B 50 13.19 -2.82 -6.32
N HIS B 51 11.98 -3.28 -6.63
CA HIS B 51 10.78 -2.58 -6.17
C HIS B 51 9.65 -3.54 -5.81
N SER B 52 8.70 -3.01 -5.06
CA SER B 52 7.52 -3.76 -4.63
C SER B 52 6.54 -3.94 -5.79
N ASP B 53 5.57 -4.81 -5.57
CA ASP B 53 4.50 -5.03 -6.55
C ASP B 53 3.47 -3.92 -6.42
N LEU B 54 3.11 -3.30 -7.54
CA LEU B 54 2.13 -2.21 -7.57
C LEU B 54 0.86 -2.53 -6.77
N SER B 55 0.53 -1.66 -5.84
CA SER B 55 -0.72 -1.73 -5.09
C SER B 55 -1.23 -0.30 -4.89
N PHE B 56 -2.40 -0.18 -4.25
CA PHE B 56 -3.04 1.13 -4.11
C PHE B 56 -3.86 1.25 -2.84
N SER B 57 -4.14 2.49 -2.47
CA SER B 57 -4.80 2.84 -1.23
C SER B 57 -6.31 3.00 -1.46
N LYS B 58 -7.03 3.29 -0.38
CA LYS B 58 -8.50 3.44 -0.40
C LYS B 58 -8.99 4.39 -1.50
N ASP B 59 -8.29 5.51 -1.69
CA ASP B 59 -8.62 6.50 -2.73
C ASP B 59 -8.12 6.15 -4.14
N TRP B 60 -7.69 4.90 -4.35
CA TRP B 60 -7.18 4.39 -5.63
C TRP B 60 -5.77 4.87 -6.03
N SER B 61 -5.13 5.73 -5.23
CA SER B 61 -3.78 6.21 -5.58
C SER B 61 -2.75 5.11 -5.32
N PHE B 62 -1.74 5.03 -6.18
CA PHE B 62 -0.78 3.95 -6.18
C PHE B 62 0.36 4.20 -5.19
N TYR B 63 1.02 3.13 -4.76
CA TYR B 63 2.26 3.24 -3.99
C TYR B 63 3.25 2.14 -4.36
N LEU B 64 4.53 2.49 -4.31
CA LEU B 64 5.63 1.58 -4.61
C LEU B 64 6.80 1.87 -3.69
N LEU B 65 7.50 0.82 -3.29
CA LEU B 65 8.76 0.95 -2.59
C LEU B 65 9.87 0.50 -3.53
N TYR B 66 10.84 1.39 -3.76
CA TYR B 66 12.08 1.07 -4.44
C TYR B 66 13.18 1.00 -3.40
N TYR B 67 14.08 0.04 -3.52
CA TYR B 67 15.10 -0.17 -2.50
C TYR B 67 16.36 -0.84 -3.03
N THR B 68 17.47 -0.55 -2.35
CA THR B 68 18.75 -1.18 -2.64
C THR B 68 19.53 -1.34 -1.33
N GLU B 69 20.27 -2.44 -1.23
CA GLU B 69 21.19 -2.66 -0.12
C GLU B 69 22.38 -1.73 -0.31
N PHE B 70 22.81 -1.07 0.77
CA PHE B 70 23.95 -0.13 0.70
C PHE B 70 24.69 -0.02 2.04
N THR B 71 25.92 0.49 1.98
CA THR B 71 26.72 0.73 3.17
C THR B 71 27.02 2.23 3.23
N PRO B 72 26.35 2.97 4.13
CA PRO B 72 26.60 4.41 4.20
C PRO B 72 28.00 4.77 4.69
N THR B 73 28.44 5.96 4.29
CA THR B 73 29.70 6.52 4.72
C THR B 73 29.50 7.99 5.05
N GLU B 74 30.53 8.58 5.64
CA GLU B 74 30.58 10.02 5.90
C GLU B 74 30.33 10.90 4.66
N LYS B 75 30.90 10.51 3.52
CA LYS B 75 30.99 11.37 2.33
C LYS B 75 29.91 11.15 1.27
N ASP B 76 29.56 9.89 1.00
CA ASP B 76 28.66 9.54 -0.11
C ASP B 76 27.25 10.13 0.03
N GLU B 77 26.76 10.72 -1.06
CA GLU B 77 25.47 11.39 -1.11
C GLU B 77 24.45 10.46 -1.76
N TYR B 78 23.26 10.36 -1.17
CA TYR B 78 22.19 9.53 -1.74
C TYR B 78 20.92 10.34 -1.98
N ALA B 79 20.22 9.99 -3.05
CA ALA B 79 18.96 10.64 -3.39
C ALA B 79 18.07 9.72 -4.23
N CYS B 80 16.83 10.14 -4.39
CA CYS B 80 15.86 9.43 -5.22
C CYS B 80 15.37 10.38 -6.30
N ARG B 81 15.40 9.92 -7.55
CA ARG B 81 14.97 10.69 -8.72
C ARG B 81 13.68 10.08 -9.27
N VAL B 82 12.61 10.88 -9.29
CA VAL B 82 11.28 10.42 -9.69
C VAL B 82 10.79 11.23 -10.89
N ASN B 83 10.32 10.53 -11.92
CA ASN B 83 9.64 11.18 -13.04
C ASN B 83 8.24 10.60 -13.23
N HIS B 84 7.30 11.49 -13.52
CA HIS B 84 5.88 11.17 -13.61
C HIS B 84 5.23 12.20 -14.54
N VAL B 85 4.11 11.83 -15.15
CA VAL B 85 3.40 12.74 -16.09
C VAL B 85 3.00 14.09 -15.45
N THR B 86 2.73 14.08 -14.15
CA THR B 86 2.42 15.30 -13.38
C THR B 86 3.61 16.23 -13.13
N LEU B 87 4.84 15.77 -13.38
CA LEU B 87 6.06 16.56 -13.15
C LEU B 87 6.63 17.10 -14.46
N SER B 88 6.85 18.42 -14.53
CA SER B 88 7.47 19.05 -15.70
C SER B 88 8.94 18.66 -15.88
N GLN B 89 9.61 18.34 -14.77
CA GLN B 89 10.97 17.81 -14.79
C GLN B 89 11.14 16.78 -13.67
N PRO B 90 12.11 15.86 -13.80
CA PRO B 90 12.34 14.88 -12.73
C PRO B 90 12.57 15.54 -11.35
N LYS B 91 11.95 14.98 -10.32
CA LYS B 91 12.04 15.50 -8.96
C LYS B 91 13.11 14.69 -8.23
N ILE B 92 14.10 15.38 -7.65
CA ILE B 92 15.16 14.73 -6.86
C ILE B 92 14.99 15.07 -5.39
N VAL B 93 14.94 14.03 -4.56
CA VAL B 93 14.83 14.17 -3.11
C VAL B 93 16.05 13.50 -2.47
N LYS B 94 16.77 14.26 -1.66
CA LYS B 94 18.00 13.77 -1.03
C LYS B 94 17.70 13.03 0.27
N TRP B 95 18.51 12.01 0.53
CA TRP B 95 18.46 11.29 1.80
C TRP B 95 19.03 12.21 2.89
N ASP B 96 18.20 12.54 3.88
CA ASP B 96 18.57 13.48 4.94
C ASP B 96 19.31 12.85 6.13
N ARG B 97 19.09 11.54 6.37
CA ARG B 97 19.77 10.81 7.45
C ARG B 97 19.46 11.42 8.83
N ASP B 98 18.18 11.41 9.19
CA ASP B 98 17.67 12.14 10.39
C ASP B 98 17.53 11.29 11.65
N MET B 99 17.26 9.99 11.52
CA MET B 99 16.93 9.14 12.68
C MET B 99 18.14 8.80 13.55
N GLY C 1 -7.67 -17.00 -0.94
CA GLY C 1 -8.06 -17.56 -2.26
C GLY C 1 -9.01 -16.62 -3.00
N LEU C 2 -8.83 -16.56 -4.31
CA LEU C 2 -9.60 -15.66 -5.18
C LEU C 2 -11.04 -16.09 -5.38
N LEU C 3 -11.88 -15.12 -5.72
CA LEU C 3 -13.22 -15.35 -6.27
C LEU C 3 -13.16 -16.34 -7.44
N PRO C 4 -14.11 -17.30 -7.50
CA PRO C 4 -14.13 -18.24 -8.63
C PRO C 4 -14.57 -17.60 -9.95
N GLU C 5 -15.49 -16.63 -9.90
CA GLU C 5 -16.01 -15.95 -11.10
C GLU C 5 -16.13 -14.45 -10.85
N LEU C 6 -15.34 -13.67 -11.58
CA LEU C 6 -15.32 -12.22 -11.45
C LEU C 6 -16.38 -11.61 -12.39
N PRO C 7 -17.21 -10.66 -11.89
CA PRO C 7 -18.18 -10.01 -12.77
C PRO C 7 -17.53 -8.94 -13.67
N ALA C 8 -17.91 -8.93 -14.95
CA ALA C 8 -17.41 -7.96 -15.92
C ALA C 8 -18.34 -6.74 -15.98
N VAL C 9 -17.76 -5.55 -16.07
CA VAL C 9 -18.52 -4.30 -16.02
C VAL C 9 -19.41 -4.09 -17.26
C1 GOL D . -1.76 -2.08 3.57
O1 GOL D . -0.40 -2.53 3.61
C2 GOL D . -2.68 -3.22 3.14
O2 GOL D . -2.73 -3.26 1.71
C3 GOL D . -4.08 -3.03 3.72
O3 GOL D . -5.01 -3.95 3.12
C1 GOL E . -10.07 -22.86 2.68
O1 GOL E . -9.51 -24.09 3.17
C2 GOL E . -11.60 -22.96 2.66
O2 GOL E . -12.06 -23.69 3.80
C3 GOL E . -12.09 -23.63 1.39
O3 GOL E . -12.50 -22.63 0.45
C1 GOL F . 15.73 8.59 7.96
O1 GOL F . 16.41 7.99 6.86
C2 GOL F . 15.28 10.01 7.66
O2 GOL F . 16.33 10.70 6.96
C3 GOL F . 13.99 10.07 6.84
O3 GOL F . 12.96 10.82 7.52
#